data_8A96
#
_entry.id   8A96
#
_cell.length_a   1.00
_cell.length_b   1.00
_cell.length_c   1.00
_cell.angle_alpha   90.00
_cell.angle_beta   90.00
_cell.angle_gamma   90.00
#
_symmetry.space_group_name_H-M   'P 1'
#
loop_
_entity.id
_entity.type
_entity.pdbx_description
1 polymer 'Spike protein S1'
2 polymer 'Fab47 Heavy chain (variable domain)'
3 polymer 'Fab47 Light chain (variable domain)'
#
loop_
_entity_poly.entity_id
_entity_poly.type
_entity_poly.pdbx_seq_one_letter_code
_entity_poly.pdbx_strand_id
1 'polypeptide(L)'
;VRFPNIANLCPFGEVFNATRFASVYAWNRKRISNCVADYSVLYNSASFSTFKCYGVSPTKLNDLCFTNVYADSFVIRGDE
VRQIAPGQTGKIADYNYKLPDDFTGCVIAWNSNNLDSKVGGNYNYLYRLFRKSNLKPFERDISTEIYQAGSTPCNGVEGF
NCYFPLQSYGFQPTNGVGYQPYRVVVLSFELLHAPATVCGPKKST
;
C
2 'polypeptide(L)'
;VQLVQSGAEVKKPGSSVKVSCKASGGTFNTYAINWVRQAPGQGLEWMGRIIPMFGIANYAQKFQGTVTFTADKSTSTAYM
ELSSLRYEDTAVYYCARSAYYSESSGYYLDYWGQGTLVTVSS
;
K
3 'polypeptide(L)'
;EIVLTQSPGTLSLSPGERATLSCRASQSVSGSYLAWYQQKPGQAPSLLIYGASSRATGIPDRFSGSGSGTDFTLTISRLE
PEDFAVYYCQQYVNSPRTFGQGTKLE
;
J
#
# COMPACT_ATOMS: atom_id res chain seq x y z
N VAL A 1 4.60 48.42 -17.62
CA VAL A 1 5.08 47.06 -17.85
C VAL A 1 5.92 46.72 -16.61
N ARG A 2 7.00 47.48 -16.43
CA ARG A 2 7.91 47.44 -15.26
C ARG A 2 8.35 46.04 -14.82
N PHE A 3 9.10 45.36 -15.67
CA PHE A 3 9.72 44.13 -15.19
C PHE A 3 11.23 44.22 -15.22
N PRO A 4 11.91 43.65 -14.23
CA PRO A 4 13.38 43.57 -14.27
C PRO A 4 13.78 42.46 -15.22
N ASN A 5 15.07 42.39 -15.52
CA ASN A 5 15.60 41.35 -16.40
C ASN A 5 16.68 40.57 -15.69
N ILE A 6 16.41 39.29 -15.46
CA ILE A 6 17.35 38.35 -14.87
C ILE A 6 17.91 37.47 -15.98
N ALA A 7 19.23 37.55 -16.20
CA ALA A 7 19.94 36.69 -17.17
C ALA A 7 19.73 35.20 -16.92
N ASN A 8 19.32 34.80 -15.71
CA ASN A 8 19.09 33.42 -15.35
C ASN A 8 17.88 32.88 -16.09
N LEU A 9 18.09 31.86 -16.93
CA LEU A 9 16.98 31.22 -17.62
C LEU A 9 16.17 30.38 -16.64
N CYS A 10 14.83 30.41 -16.79
CA CYS A 10 13.98 29.67 -15.87
C CYS A 10 14.14 28.16 -16.09
N PRO A 11 14.18 27.37 -15.02
CA PRO A 11 14.42 25.93 -15.15
C PRO A 11 13.15 25.13 -15.42
N PHE A 12 12.39 25.53 -16.44
CA PHE A 12 11.23 24.75 -16.85
C PHE A 12 11.66 23.42 -17.43
N GLY A 13 12.86 23.37 -18.03
CA GLY A 13 13.41 22.11 -18.51
C GLY A 13 13.65 21.14 -17.37
N GLU A 14 14.06 21.64 -16.21
CA GLU A 14 14.22 20.80 -15.03
C GLU A 14 12.91 20.16 -14.62
N VAL A 15 11.84 20.95 -14.53
CA VAL A 15 10.54 20.45 -14.08
C VAL A 15 9.96 19.48 -15.09
N PHE A 16 9.93 19.87 -16.38
CA PHE A 16 9.24 19.05 -17.37
C PHE A 16 10.01 17.79 -17.74
N ASN A 17 11.34 17.87 -17.82
CA ASN A 17 12.16 16.77 -18.29
C ASN A 17 12.80 16.00 -17.14
N ALA A 18 12.27 16.14 -15.93
CA ALA A 18 12.84 15.47 -14.76
C ALA A 18 12.75 13.95 -14.90
N THR A 19 13.74 13.27 -14.33
CA THR A 19 13.79 11.81 -14.41
C THR A 19 12.62 11.18 -13.69
N ARG A 20 12.32 11.65 -12.48
CA ARG A 20 11.31 11.04 -11.62
C ARG A 20 10.29 12.09 -11.21
N PHE A 21 9.01 11.76 -11.38
CA PHE A 21 7.90 12.63 -11.03
C PHE A 21 7.20 12.05 -9.81
N ALA A 22 6.53 12.92 -9.06
CA ALA A 22 5.92 12.51 -7.81
C ALA A 22 4.51 11.95 -8.05
N SER A 23 3.95 11.37 -6.99
CA SER A 23 2.58 10.88 -7.05
C SER A 23 1.62 12.07 -6.86
N VAL A 24 0.36 11.85 -7.25
CA VAL A 24 -0.64 12.93 -7.20
C VAL A 24 -0.89 13.40 -5.76
N TYR A 25 -1.03 12.46 -4.82
CA TYR A 25 -1.34 12.82 -3.44
C TYR A 25 -0.19 13.64 -2.82
N ALA A 26 1.04 13.19 -3.02
CA ALA A 26 2.22 13.94 -2.59
C ALA A 26 2.73 14.76 -3.77
N TRP A 27 1.91 15.74 -4.17
CA TRP A 27 2.24 16.55 -5.33
C TRP A 27 3.46 17.42 -5.03
N ASN A 28 4.47 17.31 -5.89
CA ASN A 28 5.71 18.04 -5.70
C ASN A 28 5.56 19.45 -6.24
N ARG A 29 5.97 20.44 -5.44
CA ARG A 29 5.87 21.84 -5.81
C ARG A 29 7.25 22.45 -5.90
N LYS A 30 7.50 23.17 -6.98
CA LYS A 30 8.73 23.93 -7.18
C LYS A 30 8.33 25.37 -7.39
N ARG A 31 9.15 26.29 -6.88
CA ARG A 31 8.91 27.71 -7.07
C ARG A 31 9.84 28.23 -8.15
N ILE A 32 9.26 28.74 -9.21
CA ILE A 32 10.00 29.39 -10.29
C ILE A 32 10.11 30.86 -9.91
N SER A 33 11.30 31.27 -9.47
CA SER A 33 11.52 32.63 -8.99
C SER A 33 12.76 33.23 -9.65
N ASN A 34 12.69 34.54 -9.88
CA ASN A 34 13.80 35.40 -10.35
C ASN A 34 14.52 34.81 -11.58
N CYS A 35 13.75 34.62 -12.64
CA CYS A 35 14.34 34.19 -13.91
C CYS A 35 13.46 34.63 -15.07
N VAL A 36 14.09 34.77 -16.24
CA VAL A 36 13.33 35.09 -17.45
C VAL A 36 12.49 33.89 -17.87
N ALA A 37 11.27 34.17 -18.33
CA ALA A 37 10.30 33.12 -18.63
C ALA A 37 10.48 32.54 -20.03
N ASP A 38 10.46 31.22 -20.12
CA ASP A 38 10.44 30.51 -21.38
C ASP A 38 9.10 29.79 -21.51
N TYR A 39 8.30 30.21 -22.48
CA TYR A 39 6.96 29.67 -22.65
C TYR A 39 6.74 29.17 -24.08
N SER A 40 7.51 29.73 -25.02
CA SER A 40 7.35 29.35 -26.42
C SER A 40 7.88 27.94 -26.69
N VAL A 41 8.86 27.49 -25.90
CA VAL A 41 9.33 26.10 -25.97
C VAL A 41 8.16 25.13 -25.73
N LEU A 42 7.36 25.44 -24.70
CA LEU A 42 6.18 24.65 -24.38
C LEU A 42 5.16 24.72 -25.50
N TYR A 43 4.93 25.93 -26.01
CA TYR A 43 3.92 26.16 -27.06
C TYR A 43 4.26 25.44 -28.35
N ASN A 44 5.53 25.51 -28.77
CA ASN A 44 5.95 24.98 -30.06
C ASN A 44 6.29 23.51 -30.05
N SER A 45 6.65 22.95 -28.88
CA SER A 45 6.93 21.52 -28.76
C SER A 45 5.79 20.67 -29.31
N ALA A 46 4.55 20.98 -28.91
CA ALA A 46 3.30 20.39 -29.40
C ALA A 46 3.17 18.89 -29.17
N SER A 47 4.13 18.27 -28.49
CA SER A 47 4.03 16.90 -28.04
C SER A 47 3.31 16.79 -26.72
N PHE A 48 2.90 17.92 -26.16
CA PHE A 48 2.09 17.95 -24.94
C PHE A 48 0.64 17.87 -25.39
N SER A 49 0.03 16.68 -25.19
CA SER A 49 -1.32 16.40 -25.70
C SER A 49 -2.35 17.37 -25.13
N THR A 50 -2.27 17.65 -23.85
CA THR A 50 -3.15 18.60 -23.19
C THR A 50 -2.30 19.81 -22.83
N PHE A 51 -2.72 20.98 -23.31
CA PHE A 51 -2.06 22.22 -22.94
C PHE A 51 -3.15 23.25 -22.60
N LYS A 52 -3.94 22.95 -21.58
CA LYS A 52 -5.11 23.75 -21.24
C LYS A 52 -4.71 24.88 -20.30
N CYS A 53 -4.67 26.10 -20.84
CA CYS A 53 -4.22 27.27 -20.09
C CYS A 53 -5.44 28.09 -19.69
N TYR A 54 -5.84 27.96 -18.44
CA TYR A 54 -6.93 28.76 -17.88
C TYR A 54 -6.45 30.17 -17.59
N GLY A 55 -7.34 31.15 -17.80
CA GLY A 55 -6.98 32.53 -17.54
C GLY A 55 -6.14 33.13 -18.64
N VAL A 56 -4.84 32.80 -18.63
CA VAL A 56 -3.95 33.21 -19.71
C VAL A 56 -4.23 32.35 -20.95
N SER A 57 -4.03 32.96 -22.16
CA SER A 57 -4.40 32.10 -23.27
C SER A 57 -3.21 31.28 -23.76
N PRO A 58 -3.44 30.05 -24.23
CA PRO A 58 -2.34 29.25 -24.80
C PRO A 58 -1.91 29.67 -26.21
N THR A 59 -2.60 30.62 -26.84
CA THR A 59 -2.21 31.08 -28.17
C THR A 59 -1.28 32.29 -28.05
N LYS A 60 -0.04 32.01 -27.62
CA LYS A 60 1.14 32.92 -27.59
C LYS A 60 0.78 34.30 -27.01
N LEU A 61 -0.01 34.30 -25.94
CA LEU A 61 -0.30 35.52 -25.22
C LEU A 61 0.20 35.45 -23.77
N ASN A 62 1.13 34.55 -23.47
CA ASN A 62 1.58 34.42 -22.08
C ASN A 62 2.94 35.06 -21.85
N ASP A 63 3.38 35.93 -22.76
CA ASP A 63 4.58 36.75 -22.54
C ASP A 63 4.20 37.87 -21.59
N LEU A 64 3.90 37.48 -20.36
CA LEU A 64 3.38 38.32 -19.30
C LEU A 64 4.37 38.33 -18.15
N CYS A 65 4.24 39.35 -17.31
CA CYS A 65 5.08 39.47 -16.13
C CYS A 65 4.37 38.81 -14.95
N PHE A 66 5.09 37.94 -14.24
CA PHE A 66 4.53 37.21 -13.12
C PHE A 66 5.36 37.47 -11.88
N THR A 67 4.70 37.73 -10.76
CA THR A 67 5.43 37.83 -9.50
C THR A 67 5.81 36.46 -8.95
N ASN A 68 5.04 35.40 -9.25
CA ASN A 68 5.31 34.09 -8.68
C ASN A 68 4.76 33.04 -9.61
N VAL A 69 5.62 32.12 -10.04
CA VAL A 69 5.21 30.96 -10.82
C VAL A 69 5.44 29.72 -9.97
N TYR A 70 4.37 28.98 -9.71
CA TYR A 70 4.41 27.73 -8.97
C TYR A 70 4.21 26.57 -9.92
N ALA A 71 5.15 25.62 -9.91
CA ALA A 71 5.10 24.46 -10.77
C ALA A 71 4.81 23.25 -9.91
N ASP A 72 3.84 22.44 -10.34
CA ASP A 72 3.45 21.25 -9.61
C ASP A 72 3.55 20.10 -10.59
N SER A 73 4.23 19.02 -10.21
CA SER A 73 4.31 17.86 -11.07
C SER A 73 3.77 16.62 -10.36
N PHE A 74 2.95 15.87 -11.09
CA PHE A 74 2.44 14.58 -10.65
C PHE A 74 2.13 13.69 -11.85
N VAL A 75 2.06 12.39 -11.59
CA VAL A 75 1.70 11.39 -12.60
C VAL A 75 0.36 10.77 -12.25
N ILE A 76 -0.61 10.90 -13.15
CA ILE A 76 -1.95 10.35 -12.98
C ILE A 76 -2.30 9.51 -14.20
N ARG A 77 -3.43 8.83 -14.08
CA ARG A 77 -3.95 8.00 -15.16
C ARG A 77 -4.62 8.92 -16.17
N GLY A 78 -4.66 8.48 -17.44
CA GLY A 78 -5.14 9.32 -18.53
C GLY A 78 -6.58 9.78 -18.37
N ASP A 79 -7.45 8.89 -17.86
CA ASP A 79 -8.87 9.18 -17.73
C ASP A 79 -9.18 10.33 -16.76
N GLU A 80 -8.23 10.71 -15.90
CA GLU A 80 -8.47 11.73 -14.89
C GLU A 80 -7.69 13.01 -15.17
N VAL A 81 -7.22 13.19 -16.40
CA VAL A 81 -6.56 14.46 -16.76
C VAL A 81 -7.61 15.56 -16.88
N ARG A 82 -8.83 15.22 -17.30
CA ARG A 82 -9.89 16.21 -17.30
C ARG A 82 -10.28 16.62 -15.89
N GLN A 83 -10.17 15.67 -14.94
CA GLN A 83 -10.48 15.89 -13.53
C GLN A 83 -9.78 17.12 -12.95
N ILE A 84 -8.52 17.31 -13.29
CA ILE A 84 -7.75 18.41 -12.73
C ILE A 84 -7.93 19.67 -13.58
N ALA A 85 -9.15 20.18 -13.55
CA ALA A 85 -9.55 21.45 -14.12
C ALA A 85 -10.21 22.26 -13.01
N PRO A 86 -10.23 23.60 -13.10
CA PRO A 86 -10.91 24.38 -12.08
C PRO A 86 -12.41 24.07 -12.06
N GLY A 87 -12.96 23.98 -10.86
CA GLY A 87 -14.37 23.65 -10.67
C GLY A 87 -14.80 22.31 -11.25
N GLN A 88 -13.99 21.27 -11.06
CA GLN A 88 -14.36 19.91 -11.47
C GLN A 88 -14.24 18.99 -10.26
N THR A 89 -15.05 17.93 -10.24
CA THR A 89 -15.14 17.03 -9.10
C THR A 89 -14.89 15.59 -9.52
N GLY A 90 -14.25 14.84 -8.63
CA GLY A 90 -13.89 13.46 -8.87
C GLY A 90 -13.05 12.99 -7.71
N LYS A 91 -12.51 11.76 -7.83
CA LYS A 91 -11.65 11.24 -6.78
C LYS A 91 -10.32 12.01 -6.69
N ILE A 92 -9.62 12.19 -7.83
CA ILE A 92 -8.35 12.90 -7.84
C ILE A 92 -8.53 14.35 -7.40
N ALA A 93 -9.65 14.96 -7.81
CA ALA A 93 -9.91 16.37 -7.51
C ALA A 93 -10.18 16.59 -6.03
N ASP A 94 -10.96 15.72 -5.39
CA ASP A 94 -11.35 15.98 -4.02
C ASP A 94 -10.46 15.30 -2.99
N TYR A 95 -9.63 14.33 -3.40
CA TYR A 95 -8.80 13.62 -2.45
C TYR A 95 -7.31 13.72 -2.72
N ASN A 96 -6.88 14.11 -3.92
CA ASN A 96 -5.45 14.14 -4.23
C ASN A 96 -4.95 15.54 -4.56
N TYR A 97 -5.50 16.20 -5.58
CA TYR A 97 -5.06 17.53 -5.98
C TYR A 97 -6.26 18.34 -6.40
N LYS A 98 -6.58 19.38 -5.62
CA LYS A 98 -7.68 20.29 -5.92
C LYS A 98 -7.18 21.57 -6.56
N LEU A 99 -7.75 21.93 -7.70
CA LEU A 99 -7.45 23.21 -8.35
C LEU A 99 -8.46 24.26 -7.93
N PRO A 100 -7.98 25.43 -7.48
CA PRO A 100 -8.89 26.55 -7.18
C PRO A 100 -9.75 26.90 -8.38
N ASP A 101 -11.02 27.21 -8.13
CA ASP A 101 -11.95 27.59 -9.20
C ASP A 101 -11.49 28.82 -9.99
N ASP A 102 -10.65 29.67 -9.40
CA ASP A 102 -10.13 30.87 -10.04
C ASP A 102 -8.72 30.67 -10.61
N PHE A 103 -8.37 29.42 -10.94
CA PHE A 103 -7.02 29.08 -11.41
C PHE A 103 -6.63 29.85 -12.66
N THR A 104 -5.56 30.63 -12.55
CA THR A 104 -5.00 31.36 -13.69
C THR A 104 -3.67 30.74 -14.10
N GLY A 105 -3.76 29.55 -14.69
CA GLY A 105 -2.54 28.87 -15.09
C GLY A 105 -2.69 27.91 -16.25
N CYS A 106 -1.73 27.00 -16.40
CA CYS A 106 -1.71 26.05 -17.51
C CYS A 106 -1.61 24.64 -16.98
N VAL A 107 -2.62 23.81 -17.28
CA VAL A 107 -2.56 22.38 -16.97
C VAL A 107 -1.95 21.71 -18.19
N ILE A 108 -0.72 21.25 -18.05
CA ILE A 108 0.04 20.66 -19.14
C ILE A 108 0.20 19.17 -18.87
N ALA A 109 -0.16 18.34 -19.84
CA ALA A 109 -0.15 16.89 -19.65
C ALA A 109 0.30 16.20 -20.94
N TRP A 110 1.21 15.23 -20.80
CA TRP A 110 1.70 14.46 -21.93
C TRP A 110 1.91 13.00 -21.52
N ASN A 111 1.94 12.12 -22.53
CA ASN A 111 2.08 10.69 -22.27
C ASN A 111 3.48 10.35 -21.79
N SER A 112 3.56 9.45 -20.83
CA SER A 112 4.81 8.90 -20.33
C SER A 112 4.76 7.39 -20.32
N ASN A 113 4.11 6.80 -21.33
CA ASN A 113 3.87 5.35 -21.35
C ASN A 113 5.18 4.57 -21.37
N ASN A 114 6.15 5.00 -22.18
CA ASN A 114 7.45 4.34 -22.17
C ASN A 114 8.17 4.57 -20.84
N LEU A 115 8.19 5.82 -20.37
CA LEU A 115 8.97 6.17 -19.19
C LEU A 115 8.33 5.65 -17.90
N ASP A 116 7.02 5.81 -17.73
CA ASP A 116 6.39 5.53 -16.44
C ASP A 116 5.57 4.25 -16.39
N SER A 117 5.70 3.36 -17.37
CA SER A 117 5.11 2.04 -17.29
C SER A 117 6.23 1.00 -17.34
N LYS A 118 6.17 0.04 -16.43
CA LYS A 118 7.20 -0.98 -16.28
C LYS A 118 6.53 -2.35 -16.43
N VAL A 119 7.27 -3.31 -17.01
CA VAL A 119 6.75 -4.65 -17.27
C VAL A 119 6.36 -5.31 -15.95
N GLY A 120 5.18 -5.93 -15.94
CA GLY A 120 4.64 -6.46 -14.72
C GLY A 120 3.90 -5.44 -13.88
N GLY A 121 3.75 -4.22 -14.38
CA GLY A 121 3.07 -3.12 -13.72
C GLY A 121 4.03 -2.24 -12.94
N ASN A 122 3.71 -0.95 -12.90
CA ASN A 122 4.46 0.03 -12.10
C ASN A 122 3.56 0.48 -10.95
N TYR A 123 3.94 0.13 -9.73
CA TYR A 123 3.16 0.44 -8.55
C TYR A 123 3.75 1.58 -7.72
N ASN A 124 4.65 2.37 -8.32
CA ASN A 124 5.29 3.46 -7.59
C ASN A 124 4.41 4.69 -7.43
N TYR A 125 3.35 4.80 -8.21
CA TYR A 125 2.48 5.97 -8.18
C TYR A 125 1.20 5.63 -7.42
N LEU A 126 0.90 6.41 -6.38
CA LEU A 126 -0.22 6.14 -5.49
C LEU A 126 -1.33 7.16 -5.70
N TYR A 127 -2.50 6.88 -5.11
CA TYR A 127 -3.60 7.83 -5.11
C TYR A 127 -4.52 7.50 -3.94
N ARG A 128 -5.15 8.53 -3.40
CA ARG A 128 -6.00 8.41 -2.21
C ARG A 128 -7.42 8.02 -2.60
N LEU A 129 -7.74 6.71 -2.52
CA LEU A 129 -9.08 6.25 -2.86
C LEU A 129 -10.14 6.82 -1.94
N PHE A 130 -9.86 6.87 -0.64
CA PHE A 130 -10.83 7.34 0.33
C PHE A 130 -10.16 8.32 1.29
N ARG A 131 -10.95 9.28 1.76
CA ARG A 131 -10.49 10.28 2.71
C ARG A 131 -11.75 10.80 3.42
N LYS A 132 -11.56 11.32 4.64
CA LYS A 132 -12.68 11.76 5.46
C LYS A 132 -13.45 12.91 4.81
N SER A 133 -12.74 13.83 4.15
CA SER A 133 -13.36 15.02 3.61
C SER A 133 -12.70 15.38 2.28
N ASN A 134 -13.38 16.24 1.53
CA ASN A 134 -12.83 16.75 0.29
C ASN A 134 -11.64 17.67 0.56
N LEU A 135 -10.65 17.62 -0.33
CA LEU A 135 -9.42 18.37 -0.15
C LEU A 135 -9.60 19.82 -0.56
N LYS A 136 -8.96 20.71 0.19
CA LYS A 136 -8.97 22.13 -0.11
C LYS A 136 -7.95 22.44 -1.20
N PRO A 137 -8.19 23.48 -2.00
CA PRO A 137 -7.23 23.94 -3.02
C PRO A 137 -5.79 24.06 -2.51
N PHE A 138 -4.87 23.39 -3.20
CA PHE A 138 -3.42 23.40 -2.92
C PHE A 138 -3.14 22.94 -1.47
N GLU A 139 -3.40 21.66 -1.24
CA GLU A 139 -3.16 21.04 0.05
C GLU A 139 -2.70 19.61 -0.15
N ARG A 140 -1.57 19.26 0.46
CA ARG A 140 -0.98 17.94 0.34
C ARG A 140 -1.22 17.15 1.62
N ASP A 141 -1.86 15.98 1.48
CA ASP A 141 -2.07 15.08 2.60
C ASP A 141 -1.13 13.89 2.43
N ILE A 142 -0.18 13.75 3.35
CA ILE A 142 0.77 12.65 3.36
C ILE A 142 0.41 11.64 4.46
N SER A 143 -0.73 11.83 5.11
CA SER A 143 -1.16 10.93 6.19
C SER A 143 -1.46 9.54 5.68
N THR A 144 -1.06 8.54 6.45
CA THR A 144 -1.32 7.13 6.16
C THR A 144 -2.32 6.53 7.13
N GLU A 145 -3.07 7.37 7.84
CA GLU A 145 -4.02 6.91 8.84
C GLU A 145 -5.13 6.09 8.18
N ILE A 146 -5.44 4.94 8.79
CA ILE A 146 -6.39 3.98 8.22
C ILE A 146 -7.78 4.63 8.17
N TYR A 147 -8.32 4.75 6.95
CA TYR A 147 -9.64 5.34 6.74
C TYR A 147 -10.73 4.57 7.46
N GLN A 148 -11.60 5.29 8.15
CA GLN A 148 -12.72 4.69 8.87
C GLN A 148 -13.93 4.61 7.95
N ALA A 149 -14.56 3.44 7.91
CA ALA A 149 -15.78 3.26 7.14
C ALA A 149 -16.89 2.57 7.94
N GLY A 150 -16.65 2.27 9.22
CA GLY A 150 -17.61 1.55 10.03
C GLY A 150 -17.46 1.97 11.49
N SER A 151 -18.41 1.50 12.31
CA SER A 151 -18.41 1.84 13.73
C SER A 151 -17.19 1.29 14.46
N THR A 152 -16.64 0.16 13.98
CA THR A 152 -15.51 -0.47 14.63
C THR A 152 -14.28 0.43 14.54
N PRO A 153 -13.52 0.58 15.64
CA PRO A 153 -12.26 1.32 15.56
C PRO A 153 -11.29 0.59 14.63
N CYS A 154 -10.60 1.36 13.79
CA CYS A 154 -9.63 0.76 12.88
C CYS A 154 -8.45 0.16 13.63
N ASN A 155 -8.12 0.68 14.82
CA ASN A 155 -7.02 0.24 15.69
C ASN A 155 -5.65 0.31 15.01
N GLY A 156 -5.55 0.97 13.86
CA GLY A 156 -4.31 1.11 13.12
C GLY A 156 -4.08 0.01 12.10
N VAL A 157 -4.88 -1.05 12.12
CA VAL A 157 -4.74 -2.14 11.17
C VAL A 157 -5.96 -2.11 10.25
N GLU A 158 -5.80 -2.65 9.06
CA GLU A 158 -6.80 -2.68 8.01
C GLU A 158 -7.71 -3.92 8.15
N GLY A 159 -8.88 -3.85 7.53
CA GLY A 159 -9.88 -4.89 7.66
C GLY A 159 -11.22 -4.39 7.14
N PHE A 160 -12.31 -5.03 7.59
CA PHE A 160 -13.64 -4.65 7.12
C PHE A 160 -13.92 -3.21 7.52
N ASN A 161 -14.33 -2.39 6.55
CA ASN A 161 -14.70 -0.99 6.78
C ASN A 161 -13.54 -0.18 7.35
N CYS A 162 -12.32 -0.63 7.08
CA CYS A 162 -11.09 0.07 7.47
C CYS A 162 -10.08 -0.20 6.38
N TYR A 163 -9.71 0.83 5.63
CA TYR A 163 -8.88 0.62 4.47
C TYR A 163 -7.68 1.55 4.48
N PHE A 164 -6.62 1.11 3.81
CA PHE A 164 -5.44 1.94 3.62
C PHE A 164 -5.85 3.07 2.69
N PRO A 165 -5.74 4.34 3.12
CA PRO A 165 -6.25 5.47 2.32
C PRO A 165 -5.68 5.56 0.91
N LEU A 166 -4.46 5.09 0.69
CA LEU A 166 -3.81 5.19 -0.61
C LEU A 166 -3.94 3.89 -1.38
N GLN A 167 -3.86 3.99 -2.70
CA GLN A 167 -3.93 2.82 -3.56
C GLN A 167 -2.99 3.04 -4.75
N SER A 168 -2.49 1.94 -5.31
CA SER A 168 -1.55 1.97 -6.43
C SER A 168 -2.27 2.00 -7.78
N TYR A 169 -1.80 2.89 -8.66
CA TYR A 169 -2.26 2.93 -10.05
C TYR A 169 -2.02 1.62 -10.77
N GLY A 170 -0.76 1.22 -10.88
CA GLY A 170 -0.47 -0.05 -11.50
C GLY A 170 -0.43 0.01 -13.01
N PHE A 171 0.24 1.02 -13.57
CA PHE A 171 0.35 1.14 -15.02
C PHE A 171 1.12 -0.02 -15.63
N GLN A 172 0.58 -0.57 -16.72
CA GLN A 172 1.18 -1.69 -17.42
C GLN A 172 1.56 -1.24 -18.82
N PRO A 173 2.65 -1.80 -19.39
CA PRO A 173 3.12 -1.35 -20.72
C PRO A 173 2.09 -1.57 -21.81
N THR A 174 1.46 -2.75 -21.83
CA THR A 174 0.37 -3.04 -22.75
C THR A 174 -0.93 -2.79 -22.01
N ASN A 175 -1.51 -1.62 -22.22
CA ASN A 175 -2.72 -1.20 -21.52
C ASN A 175 -3.39 -0.13 -22.37
N GLY A 176 -4.65 0.17 -22.03
CA GLY A 176 -5.38 1.17 -22.79
C GLY A 176 -4.82 2.56 -22.57
N VAL A 177 -5.07 3.44 -23.55
CA VAL A 177 -4.66 4.85 -23.43
C VAL A 177 -5.34 5.50 -22.23
N GLY A 178 -6.58 5.11 -21.94
CA GLY A 178 -7.25 5.56 -20.73
C GLY A 178 -6.53 5.12 -19.46
N TYR A 179 -5.82 3.99 -19.52
CA TYR A 179 -5.11 3.41 -18.38
C TYR A 179 -3.60 3.58 -18.45
N GLN A 180 -3.10 4.54 -19.24
CA GLN A 180 -1.65 4.79 -19.29
C GLN A 180 -1.29 6.10 -18.58
N PRO A 181 -0.07 6.20 -18.03
CA PRO A 181 0.27 7.40 -17.25
C PRO A 181 0.46 8.64 -18.10
N TYR A 182 -0.01 9.77 -17.57
CA TYR A 182 0.23 11.08 -18.15
C TYR A 182 0.92 11.93 -17.10
N ARG A 183 2.15 12.36 -17.39
CA ARG A 183 2.82 13.30 -16.50
C ARG A 183 2.16 14.66 -16.64
N VAL A 184 1.81 15.27 -15.52
CA VAL A 184 1.12 16.56 -15.54
C VAL A 184 1.95 17.59 -14.79
N VAL A 185 2.23 18.72 -15.44
CA VAL A 185 2.99 19.78 -14.80
C VAL A 185 2.12 21.03 -14.74
N VAL A 186 1.24 21.08 -13.73
CA VAL A 186 0.38 22.24 -13.49
C VAL A 186 1.25 23.46 -13.20
N LEU A 187 1.06 24.52 -13.97
CA LEU A 187 1.80 25.77 -13.83
C LEU A 187 0.85 26.81 -13.25
N SER A 188 1.13 27.28 -12.04
CA SER A 188 0.28 28.25 -11.36
C SER A 188 0.92 29.64 -11.40
N PHE A 189 0.27 30.58 -12.09
CA PHE A 189 0.77 31.94 -12.23
C PHE A 189 0.01 32.85 -11.27
N GLU A 190 0.60 34.01 -10.95
CA GLU A 190 -0.09 35.00 -10.15
C GLU A 190 -0.47 36.26 -10.91
N LEU A 191 0.05 36.46 -12.13
CA LEU A 191 -0.28 37.55 -13.05
C LEU A 191 -0.19 38.94 -12.40
N LEU A 192 0.92 39.19 -11.70
CA LEU A 192 1.19 40.52 -11.14
C LEU A 192 2.39 41.10 -11.89
N HIS A 193 2.14 42.16 -12.65
CA HIS A 193 3.18 42.78 -13.47
C HIS A 193 3.97 43.84 -12.73
N ALA A 194 3.54 44.25 -11.55
CA ALA A 194 4.21 45.32 -10.81
C ALA A 194 5.45 44.78 -10.10
N PRO A 195 5.40 43.69 -9.24
CA PRO A 195 6.67 43.16 -8.72
C PRO A 195 7.45 42.44 -9.81
N ALA A 196 6.76 41.59 -10.56
CA ALA A 196 7.29 40.84 -11.71
C ALA A 196 8.63 40.16 -11.43
N THR A 197 8.66 39.38 -10.35
CA THR A 197 9.85 38.60 -10.01
C THR A 197 10.21 37.62 -11.12
N VAL A 198 9.22 36.93 -11.68
CA VAL A 198 9.44 36.04 -12.82
C VAL A 198 9.45 36.93 -14.07
N CYS A 199 10.66 37.27 -14.53
CA CYS A 199 10.86 38.11 -15.72
C CYS A 199 10.18 37.53 -16.96
N GLY A 200 9.57 38.41 -17.75
CA GLY A 200 9.09 38.07 -19.06
C GLY A 200 10.14 38.30 -20.13
N PRO A 201 10.10 37.55 -21.23
CA PRO A 201 11.20 37.61 -22.20
C PRO A 201 11.14 38.76 -23.19
N LYS A 202 10.18 39.68 -23.06
CA LYS A 202 10.14 40.82 -23.96
C LYS A 202 11.25 41.81 -23.62
N LYS A 203 11.46 42.78 -24.52
CA LYS A 203 12.40 43.86 -24.29
C LYS A 203 12.02 44.63 -23.03
N SER A 204 13.03 44.99 -22.23
CA SER A 204 12.83 45.60 -20.91
C SER A 204 11.99 46.88 -21.01
N THR A 205 11.06 47.03 -20.06
CA THR A 205 10.08 48.12 -19.88
C THR A 205 9.76 49.07 -21.04
N VAL B 1 7.97 -14.03 -3.26
CA VAL B 1 7.75 -15.42 -3.61
C VAL B 1 8.53 -16.35 -2.67
N GLN B 2 9.72 -15.94 -2.27
CA GLN B 2 10.51 -16.65 -1.27
C GLN B 2 10.95 -15.65 -0.21
N LEU B 3 10.72 -15.99 1.06
CA LEU B 3 10.97 -15.10 2.19
C LEU B 3 11.84 -15.81 3.22
N VAL B 4 13.03 -16.24 2.80
CA VAL B 4 13.96 -16.94 3.69
C VAL B 4 14.42 -15.99 4.81
N GLN B 5 14.29 -16.45 6.05
CA GLN B 5 14.66 -15.67 7.23
C GLN B 5 15.79 -16.34 8.01
N SER B 6 15.98 -15.84 9.23
CA SER B 6 17.04 -16.34 10.10
C SER B 6 16.71 -17.73 10.65
N GLY B 7 17.71 -18.34 11.26
CA GLY B 7 17.66 -19.71 11.72
C GLY B 7 17.26 -19.84 13.18
N ALA B 8 18.26 -19.82 14.07
CA ALA B 8 18.05 -20.10 15.48
C ALA B 8 19.02 -19.26 16.28
N GLU B 9 18.52 -18.69 17.38
CA GLU B 9 19.23 -17.67 18.15
C GLU B 9 19.63 -18.23 19.52
N VAL B 10 20.94 -18.30 19.77
CA VAL B 10 21.42 -18.70 21.08
C VAL B 10 21.42 -17.47 21.97
N LYS B 11 20.25 -17.04 22.42
CA LYS B 11 20.12 -15.81 23.20
C LYS B 11 19.85 -16.14 24.66
N LYS B 12 20.83 -15.85 25.51
CA LYS B 12 20.69 -16.03 26.95
C LYS B 12 19.60 -15.08 27.47
N PRO B 13 18.80 -15.48 28.46
CA PRO B 13 17.66 -14.65 28.91
C PRO B 13 18.02 -13.21 29.25
N GLY B 14 17.22 -12.29 28.72
CA GLY B 14 17.44 -10.87 28.87
C GLY B 14 18.23 -10.23 27.73
N SER B 15 18.78 -11.04 26.82
CA SER B 15 19.60 -10.55 25.71
C SER B 15 18.74 -10.41 24.46
N SER B 16 18.83 -9.24 23.81
CA SER B 16 17.99 -8.91 22.68
C SER B 16 18.45 -9.63 21.42
N VAL B 17 17.53 -9.71 20.44
CA VAL B 17 17.81 -10.36 19.17
C VAL B 17 17.03 -9.63 18.08
N LYS B 18 17.55 -9.67 16.84
CA LYS B 18 16.89 -9.09 15.69
C LYS B 18 16.73 -10.15 14.60
N VAL B 19 15.54 -10.24 14.02
CA VAL B 19 15.22 -11.25 13.01
C VAL B 19 15.60 -10.63 11.65
N SER B 20 15.66 -11.44 10.59
CA SER B 20 16.12 -10.99 9.28
C SER B 20 15.35 -11.67 8.14
N CYS B 21 14.03 -11.49 8.08
CA CYS B 21 13.27 -12.04 6.96
C CYS B 21 13.59 -11.28 5.68
N LYS B 22 13.92 -12.02 4.63
CA LYS B 22 14.41 -11.43 3.38
C LYS B 22 13.33 -11.48 2.31
N ALA B 23 12.87 -10.31 1.88
CA ALA B 23 11.86 -10.23 0.83
C ALA B 23 12.49 -10.32 -0.54
N SER B 24 11.83 -11.04 -1.44
CA SER B 24 12.23 -11.08 -2.83
C SER B 24 11.83 -9.79 -3.53
N GLY B 25 12.35 -9.60 -4.75
CA GLY B 25 12.12 -8.37 -5.49
C GLY B 25 10.64 -8.13 -5.76
N GLY B 26 10.18 -6.92 -5.46
CA GLY B 26 8.79 -6.56 -5.67
C GLY B 26 7.86 -6.97 -4.55
N THR B 27 8.35 -7.68 -3.54
CA THR B 27 7.52 -8.05 -2.39
C THR B 27 7.12 -6.81 -1.58
N PHE B 28 8.09 -5.96 -1.25
CA PHE B 28 7.82 -4.79 -0.41
C PHE B 28 6.89 -3.79 -1.09
N ASN B 29 7.02 -3.64 -2.41
CA ASN B 29 6.30 -2.66 -3.22
C ASN B 29 4.81 -2.58 -2.92
N THR B 30 4.10 -3.70 -3.06
CA THR B 30 2.65 -3.72 -2.91
C THR B 30 2.16 -4.62 -1.77
N TYR B 31 3.06 -5.11 -0.90
CA TYR B 31 2.65 -6.03 0.15
C TYR B 31 3.29 -5.65 1.48
N ALA B 32 2.50 -5.68 2.54
CA ALA B 32 2.98 -5.51 3.90
C ALA B 32 3.58 -6.83 4.39
N ILE B 33 4.33 -6.78 5.50
CA ILE B 33 4.93 -7.97 6.09
C ILE B 33 4.38 -8.15 7.49
N ASN B 34 3.90 -9.35 7.80
CA ASN B 34 3.30 -9.68 9.08
C ASN B 34 4.18 -10.66 9.82
N TRP B 35 4.17 -10.56 11.15
CA TRP B 35 4.93 -11.46 12.01
C TRP B 35 3.97 -12.26 12.88
N VAL B 36 4.20 -13.56 12.95
CA VAL B 36 3.30 -14.48 13.66
C VAL B 36 4.13 -15.29 14.65
N ARG B 37 3.87 -15.09 15.94
CA ARG B 37 4.53 -15.86 17.00
C ARG B 37 3.91 -17.25 17.10
N GLN B 38 4.73 -18.28 16.94
CA GLN B 38 4.30 -19.67 17.10
C GLN B 38 5.05 -20.29 18.28
N ALA B 39 4.53 -20.06 19.49
CA ALA B 39 5.09 -20.65 20.69
C ALA B 39 5.00 -22.17 20.60
N PRO B 40 6.13 -22.92 20.81
CA PRO B 40 6.13 -24.38 20.67
C PRO B 40 5.03 -25.12 21.44
N GLY B 41 4.10 -25.70 20.68
CA GLY B 41 2.98 -26.42 21.23
C GLY B 41 1.81 -25.55 21.59
N GLN B 42 1.47 -24.59 20.73
CA GLN B 42 0.35 -23.66 20.93
C GLN B 42 -0.18 -23.27 19.56
N GLY B 43 -0.97 -22.20 19.50
CA GLY B 43 -1.49 -21.68 18.27
C GLY B 43 -0.70 -20.49 17.74
N LEU B 44 -1.08 -20.06 16.53
CA LEU B 44 -0.45 -18.93 15.89
C LEU B 44 -0.95 -17.62 16.51
N GLU B 45 -0.03 -16.78 16.95
CA GLU B 45 -0.37 -15.46 17.49
C GLU B 45 0.12 -14.37 16.56
N TRP B 46 -0.75 -13.41 16.26
CA TRP B 46 -0.45 -12.35 15.29
C TRP B 46 0.21 -11.18 16.01
N MET B 47 1.53 -11.09 15.89
CA MET B 47 2.27 -10.02 16.56
C MET B 47 1.96 -8.65 15.96
N GLY B 48 1.80 -8.59 14.65
CA GLY B 48 1.51 -7.33 13.99
C GLY B 48 1.98 -7.35 12.55
N ARG B 49 1.92 -6.18 11.92
CA ARG B 49 2.31 -6.03 10.53
C ARG B 49 3.20 -4.80 10.37
N ILE B 50 4.12 -4.87 9.42
CA ILE B 50 4.91 -3.71 9.02
C ILE B 50 4.64 -3.42 7.55
N ILE B 51 4.20 -2.19 7.27
CA ILE B 51 4.04 -1.69 5.90
C ILE B 51 5.34 -1.02 5.49
N PRO B 52 6.18 -1.69 4.68
CA PRO B 52 7.53 -1.16 4.40
C PRO B 52 7.57 0.18 3.67
N MET B 53 6.74 0.37 2.63
CA MET B 53 6.78 1.56 1.79
C MET B 53 6.61 2.85 2.59
N PHE B 54 5.63 2.87 3.49
CA PHE B 54 5.35 4.04 4.31
C PHE B 54 5.91 3.91 5.71
N GLY B 55 6.68 2.86 5.98
CA GLY B 55 7.32 2.62 7.27
C GLY B 55 6.35 2.56 8.44
N ILE B 56 5.19 1.93 8.25
CA ILE B 56 4.16 1.87 9.27
C ILE B 56 4.18 0.48 9.89
N ALA B 57 4.35 0.43 11.20
CA ALA B 57 4.31 -0.82 11.94
C ALA B 57 3.31 -0.67 13.08
N ASN B 58 2.34 -1.59 13.15
CA ASN B 58 1.33 -1.59 14.20
C ASN B 58 1.32 -2.95 14.87
N TYR B 59 1.27 -2.95 16.19
CA TYR B 59 1.36 -4.16 16.99
C TYR B 59 0.09 -4.36 17.78
N ALA B 60 -0.13 -5.61 18.21
CA ALA B 60 -1.28 -5.94 19.02
C ALA B 60 -1.04 -5.46 20.45
N GLN B 61 -2.12 -5.44 21.26
CA GLN B 61 -2.03 -4.97 22.64
C GLN B 61 -1.03 -5.79 23.45
N LYS B 62 -1.02 -7.12 23.23
CA LYS B 62 -0.16 -8.02 23.99
C LYS B 62 1.31 -7.71 23.78
N PHE B 63 1.72 -7.53 22.53
CA PHE B 63 3.13 -7.39 22.18
C PHE B 63 3.61 -5.94 22.18
N GLN B 64 2.76 -4.97 22.51
CA GLN B 64 3.14 -3.56 22.47
C GLN B 64 4.23 -3.26 23.51
N GLY B 65 5.29 -2.59 23.07
CA GLY B 65 6.37 -2.21 23.94
C GLY B 65 7.42 -3.28 24.14
N THR B 66 7.18 -4.49 23.65
CA THR B 66 8.08 -5.61 23.82
C THR B 66 8.78 -6.01 22.53
N VAL B 67 8.27 -5.58 21.38
CA VAL B 67 8.80 -5.98 20.09
C VAL B 67 8.77 -4.79 19.15
N THR B 68 9.77 -4.72 18.26
CA THR B 68 9.91 -3.64 17.29
C THR B 68 10.01 -4.21 15.88
N PHE B 69 9.22 -3.66 14.95
CA PHE B 69 9.24 -4.09 13.55
C PHE B 69 10.00 -3.06 12.72
N THR B 70 10.99 -3.52 11.95
CA THR B 70 11.74 -2.65 11.06
C THR B 70 11.94 -3.34 9.72
N ALA B 71 11.94 -2.56 8.65
CA ALA B 71 12.25 -3.11 7.34
C ALA B 71 13.13 -2.15 6.58
N ASP B 72 14.01 -2.71 5.75
CA ASP B 72 14.97 -1.94 4.99
C ASP B 72 14.49 -1.87 3.56
N LYS B 73 14.15 -0.64 3.10
CA LYS B 73 13.64 -0.45 1.75
C LYS B 73 14.67 -0.87 0.71
N SER B 74 15.92 -0.48 0.91
CA SER B 74 17.03 -1.01 0.15
C SER B 74 17.44 -2.32 0.79
N THR B 75 17.71 -3.33 -0.06
CA THR B 75 18.05 -4.74 0.16
C THR B 75 16.79 -5.57 0.43
N SER B 76 15.61 -4.95 0.57
CA SER B 76 14.30 -5.59 0.72
C SER B 76 14.30 -6.67 1.81
N THR B 77 14.67 -6.27 3.03
CA THR B 77 14.77 -7.21 4.12
C THR B 77 13.93 -6.74 5.29
N ALA B 78 13.23 -7.68 5.93
CA ALA B 78 12.35 -7.42 7.06
C ALA B 78 13.04 -7.85 8.35
N TYR B 79 12.95 -7.01 9.38
CA TYR B 79 13.61 -7.25 10.65
C TYR B 79 12.62 -7.12 11.79
N MET B 80 12.79 -7.95 12.81
CA MET B 80 11.98 -7.82 14.02
C MET B 80 12.91 -7.87 15.22
N GLU B 81 12.77 -6.92 16.14
CA GLU B 81 13.64 -6.82 17.29
C GLU B 81 12.87 -7.21 18.55
N LEU B 82 13.46 -8.09 19.34
CA LEU B 82 12.92 -8.49 20.62
C LEU B 82 13.66 -7.71 21.70
N SER B 83 12.90 -7.03 22.58
CA SER B 83 13.50 -6.13 23.58
C SER B 83 14.45 -6.88 24.52
N SER B 84 14.03 -8.05 24.98
CA SER B 84 14.83 -8.93 25.82
C SER B 84 14.17 -10.30 25.77
N LEU B 85 14.92 -11.33 26.17
CA LEU B 85 14.34 -12.67 26.20
C LEU B 85 13.68 -12.88 27.56
N ARG B 86 12.36 -12.70 27.60
CA ARG B 86 11.57 -13.12 28.73
C ARG B 86 11.41 -14.64 28.64
N TYR B 87 11.09 -15.28 29.78
CA TYR B 87 11.07 -16.74 29.86
C TYR B 87 10.05 -17.34 28.88
N GLU B 88 8.92 -16.68 28.67
CA GLU B 88 7.90 -17.20 27.77
C GLU B 88 8.10 -16.75 26.33
N ASP B 89 9.14 -15.96 26.05
CA ASP B 89 9.32 -15.39 24.71
C ASP B 89 9.83 -16.41 23.69
N THR B 90 10.30 -17.57 24.13
CA THR B 90 10.79 -18.60 23.23
C THR B 90 9.67 -19.05 22.30
N ALA B 91 9.87 -18.83 21.00
CA ALA B 91 8.84 -19.13 20.01
C ALA B 91 9.43 -19.12 18.60
N VAL B 92 8.70 -19.76 17.68
CA VAL B 92 9.07 -19.79 16.28
C VAL B 92 8.43 -18.58 15.60
N TYR B 93 9.24 -17.57 15.35
CA TYR B 93 8.79 -16.33 14.73
C TYR B 93 8.70 -16.48 13.22
N TYR B 94 7.50 -16.26 12.68
CA TYR B 94 7.24 -16.36 11.26
C TYR B 94 7.14 -14.99 10.61
N CYS B 95 7.21 -14.96 9.28
CA CYS B 95 7.05 -13.73 8.53
C CYS B 95 6.22 -14.06 7.29
N ALA B 96 5.24 -13.21 7.00
CA ALA B 96 4.35 -13.47 5.89
C ALA B 96 3.82 -12.17 5.31
N ARG B 97 3.47 -12.19 4.02
CA ARG B 97 3.05 -10.98 3.34
C ARG B 97 1.54 -10.93 3.16
N SER B 98 0.95 -9.78 3.48
CA SER B 98 -0.47 -9.54 3.29
C SER B 98 -0.65 -8.27 2.47
N ALA B 99 -1.61 -8.28 1.56
CA ALA B 99 -1.97 -7.07 0.83
C ALA B 99 -2.57 -6.06 1.80
N TYR B 100 -2.08 -4.83 1.76
CA TYR B 100 -2.67 -3.77 2.57
C TYR B 100 -3.56 -2.83 1.76
N TYR B 101 -3.60 -2.97 0.44
CA TYR B 101 -4.34 -2.06 -0.42
C TYR B 101 -5.84 -2.30 -0.35
N SER B 102 -6.59 -1.22 -0.55
CA SER B 102 -8.04 -1.24 -0.43
C SER B 102 -8.71 -2.16 -1.46
N GLU B 103 -8.26 -2.11 -2.72
CA GLU B 103 -8.92 -2.85 -3.79
C GLU B 103 -8.82 -4.36 -3.59
N SER B 104 -7.62 -4.85 -3.26
CA SER B 104 -7.41 -6.29 -3.11
C SER B 104 -8.26 -6.86 -1.98
N SER B 105 -8.30 -6.15 -0.84
CA SER B 105 -9.12 -6.48 0.33
C SER B 105 -8.83 -7.90 0.82
N GLY B 106 -7.58 -8.31 0.74
CA GLY B 106 -7.25 -9.65 1.11
C GLY B 106 -6.79 -9.76 2.54
N TYR B 107 -5.78 -8.97 2.91
CA TYR B 107 -5.25 -8.81 4.26
C TYR B 107 -4.91 -10.14 4.93
N TYR B 108 -4.57 -11.14 4.13
CA TYR B 108 -4.29 -12.50 4.53
C TYR B 108 -2.88 -12.88 4.09
N LEU B 109 -2.32 -13.84 4.80
CA LEU B 109 -0.92 -14.21 4.64
C LEU B 109 -0.76 -15.25 3.53
N ASP B 110 -0.23 -14.80 2.38
CA ASP B 110 -0.10 -15.66 1.19
C ASP B 110 1.02 -16.66 1.33
N TYR B 111 2.22 -16.20 1.65
CA TYR B 111 3.39 -17.05 1.68
C TYR B 111 4.13 -16.76 2.98
N TRP B 112 4.87 -17.75 3.47
CA TRP B 112 5.49 -17.69 4.79
C TRP B 112 6.96 -18.08 4.72
N GLY B 113 7.74 -17.56 5.67
CA GLY B 113 9.14 -17.95 5.80
C GLY B 113 9.28 -19.24 6.59
N GLN B 114 10.50 -19.80 6.57
CA GLN B 114 10.76 -21.10 7.17
C GLN B 114 10.55 -21.10 8.69
N GLY B 115 10.91 -20.01 9.36
CA GLY B 115 10.74 -19.90 10.80
C GLY B 115 12.04 -19.59 11.52
N THR B 116 11.94 -18.77 12.56
CA THR B 116 13.08 -18.36 13.38
C THR B 116 12.73 -18.64 14.83
N LEU B 117 13.42 -19.60 15.43
CA LEU B 117 13.14 -20.02 16.80
C LEU B 117 14.13 -19.37 17.76
N VAL B 118 13.61 -18.62 18.72
CA VAL B 118 14.42 -18.06 19.79
C VAL B 118 14.21 -18.93 21.02
N THR B 119 15.23 -19.02 21.88
CA THR B 119 15.26 -19.83 23.09
C THR B 119 16.37 -19.31 23.99
N VAL B 120 16.34 -19.78 25.25
CA VAL B 120 17.39 -19.53 26.26
C VAL B 120 18.78 -19.83 25.70
N SER B 121 18.91 -20.94 24.98
CA SER B 121 20.13 -21.29 24.26
C SER B 121 19.73 -21.52 22.81
N SER B 122 20.58 -22.21 22.05
CA SER B 122 20.40 -22.60 20.63
C SER B 122 18.99 -22.65 20.03
N GLU C 1 -12.63 -8.04 20.95
CA GLU C 1 -11.85 -8.88 20.05
C GLU C 1 -12.69 -10.02 19.50
N ILE C 2 -12.45 -10.39 18.24
CA ILE C 2 -13.09 -11.53 17.62
C ILE C 2 -12.24 -12.76 17.93
N VAL C 3 -12.75 -13.62 18.80
CA VAL C 3 -12.09 -14.87 19.16
C VAL C 3 -12.66 -15.94 18.24
N LEU C 4 -12.00 -17.10 18.16
CA LEU C 4 -12.43 -18.20 17.31
C LEU C 4 -12.26 -19.49 18.09
N THR C 5 -13.21 -20.40 17.96
CA THR C 5 -13.18 -21.68 18.64
C THR C 5 -13.37 -22.79 17.61
N GLN C 6 -12.28 -23.45 17.24
CA GLN C 6 -12.39 -24.60 16.36
C GLN C 6 -12.94 -25.78 17.16
N SER C 7 -14.06 -26.33 16.70
CA SER C 7 -14.74 -27.39 17.45
C SER C 7 -14.06 -28.75 17.28
N PRO C 8 -13.80 -29.27 16.03
CA PRO C 8 -13.22 -30.60 15.97
C PRO C 8 -11.74 -30.54 16.29
N GLY C 9 -11.42 -30.63 17.59
CA GLY C 9 -10.05 -30.40 18.06
C GLY C 9 -9.02 -31.40 17.53
N THR C 10 -9.41 -32.67 17.41
CA THR C 10 -8.47 -33.72 16.98
C THR C 10 -9.09 -34.61 15.91
N LEU C 11 -8.74 -34.36 14.64
CA LEU C 11 -9.13 -35.20 13.50
C LEU C 11 -7.95 -35.81 12.76
N SER C 12 -6.79 -35.95 13.40
CA SER C 12 -5.65 -36.59 12.77
C SER C 12 -5.62 -38.08 13.04
N LEU C 13 -6.79 -38.72 13.18
CA LEU C 13 -6.92 -40.15 13.40
C LEU C 13 -7.18 -40.92 12.10
N SER C 14 -6.63 -40.41 11.00
CA SER C 14 -6.87 -40.95 9.65
C SER C 14 -8.35 -41.06 9.27
N PRO C 15 -9.13 -39.96 9.32
CA PRO C 15 -10.55 -40.07 8.97
C PRO C 15 -10.75 -40.27 7.49
N GLY C 16 -11.95 -40.71 7.13
CA GLY C 16 -12.28 -41.07 5.77
C GLY C 16 -13.22 -40.05 5.13
N GLU C 17 -12.81 -39.57 3.95
CA GLU C 17 -13.56 -38.71 3.03
C GLU C 17 -13.94 -37.39 3.72
N ARG C 18 -15.21 -36.99 3.71
CA ARG C 18 -15.64 -35.65 4.12
C ARG C 18 -15.31 -35.34 5.59
N ALA C 19 -14.80 -34.13 5.83
CA ALA C 19 -14.56 -33.60 7.17
C ALA C 19 -15.18 -32.22 7.30
N THR C 20 -15.98 -32.01 8.35
CA THR C 20 -16.71 -30.75 8.54
C THR C 20 -16.06 -29.84 9.60
N LEU C 21 -14.80 -29.49 9.31
CA LEU C 21 -13.99 -28.57 10.13
C LEU C 21 -14.71 -27.25 10.37
N SER C 22 -14.85 -26.84 11.63
CA SER C 22 -15.64 -25.66 11.92
C SER C 22 -14.88 -24.61 12.74
N CYS C 23 -15.40 -23.37 12.69
CA CYS C 23 -14.86 -22.21 13.42
C CYS C 23 -15.96 -21.17 13.61
N ARG C 24 -16.25 -20.81 14.86
CA ARG C 24 -17.27 -19.81 15.19
C ARG C 24 -16.67 -18.69 16.03
N ALA C 25 -17.28 -17.50 15.92
CA ALA C 25 -16.76 -16.29 16.52
C ALA C 25 -17.82 -15.59 17.35
N SER C 26 -17.36 -14.86 18.37
CA SER C 26 -18.25 -14.18 19.32
C SER C 26 -19.11 -13.14 18.61
N GLN C 27 -18.50 -12.30 17.78
CA GLN C 27 -19.20 -11.40 16.89
C GLN C 27 -19.00 -11.93 15.48
N SER C 28 -20.09 -11.98 14.70
CA SER C 28 -20.09 -12.62 13.39
C SER C 28 -19.04 -11.99 12.47
N VAL C 29 -18.26 -12.87 11.81
CA VAL C 29 -17.21 -12.41 10.90
C VAL C 29 -17.88 -11.63 9.78
N SER C 30 -17.43 -10.40 9.58
CA SER C 30 -18.11 -9.49 8.67
C SER C 30 -17.39 -9.47 7.33
N GLY C 31 -18.16 -9.61 6.26
CA GLY C 31 -17.59 -9.62 4.93
C GLY C 31 -16.93 -10.92 4.54
N SER C 32 -17.16 -11.98 5.34
CA SER C 32 -16.56 -13.32 5.15
C SER C 32 -15.04 -13.23 5.14
N TYR C 33 -14.51 -12.34 5.97
CA TYR C 33 -13.07 -12.06 6.02
C TYR C 33 -12.36 -13.06 6.93
N LEU C 34 -12.35 -14.31 6.49
CA LEU C 34 -11.70 -15.41 7.20
C LEU C 34 -10.83 -16.18 6.22
N ALA C 35 -9.76 -16.79 6.73
CA ALA C 35 -8.91 -17.62 5.88
C ALA C 35 -8.52 -18.88 6.64
N TRP C 36 -8.07 -19.89 5.88
CA TRP C 36 -7.65 -21.17 6.44
C TRP C 36 -6.20 -21.42 6.05
N TYR C 37 -5.41 -21.89 7.02
CA TYR C 37 -3.97 -22.08 6.83
C TYR C 37 -3.62 -23.51 7.22
N GLN C 38 -2.91 -24.23 6.34
CA GLN C 38 -2.49 -25.59 6.62
C GLN C 38 -1.06 -25.62 7.16
N GLN C 39 -0.91 -25.96 8.43
CA GLN C 39 0.40 -26.09 9.06
C GLN C 39 0.87 -27.53 9.00
N LYS C 40 1.62 -27.86 7.94
CA LYS C 40 2.24 -29.17 7.86
C LYS C 40 3.30 -29.28 8.95
N PRO C 41 3.47 -30.45 9.58
CA PRO C 41 4.45 -30.60 10.67
C PRO C 41 5.86 -30.22 10.23
N GLY C 42 6.53 -29.43 11.07
CA GLY C 42 7.90 -29.06 10.80
C GLY C 42 8.04 -27.94 9.79
N GLN C 43 6.94 -27.28 9.41
CA GLN C 43 6.92 -26.29 8.34
C GLN C 43 5.95 -25.19 8.71
N ALA C 44 5.99 -24.13 7.97
CA ALA C 44 5.18 -22.96 8.27
C ALA C 44 3.84 -23.07 7.55
N PRO C 45 2.77 -22.52 8.17
CA PRO C 45 1.43 -22.65 7.57
C PRO C 45 1.37 -22.04 6.18
N SER C 46 0.71 -22.74 5.28
CA SER C 46 0.49 -22.25 3.92
C SER C 46 -1.00 -21.96 3.80
N LEU C 47 -1.32 -20.86 3.14
CA LEU C 47 -2.72 -20.50 2.90
C LEU C 47 -3.43 -21.63 2.16
N LEU C 48 -4.62 -21.99 2.67
CA LEU C 48 -5.42 -23.04 2.06
C LEU C 48 -6.69 -22.52 1.41
N ILE C 49 -7.25 -21.43 1.91
CA ILE C 49 -8.47 -20.84 1.37
C ILE C 49 -8.51 -19.43 1.94
N TYR C 50 -9.28 -18.54 1.31
CA TYR C 50 -9.46 -17.20 1.84
C TYR C 50 -10.86 -16.76 1.50
N GLY C 51 -11.31 -15.69 2.17
CA GLY C 51 -12.69 -15.30 1.99
C GLY C 51 -13.63 -16.34 2.59
N ALA C 52 -14.84 -16.44 2.04
CA ALA C 52 -15.70 -17.51 2.53
C ALA C 52 -15.27 -18.83 1.90
N SER C 53 -15.12 -18.85 0.59
CA SER C 53 -14.79 -20.09 -0.11
C SER C 53 -13.73 -19.92 -1.19
N SER C 54 -13.01 -18.80 -1.24
CA SER C 54 -12.09 -18.57 -2.36
C SER C 54 -10.84 -19.42 -2.18
N ARG C 55 -10.70 -20.45 -3.00
CA ARG C 55 -9.58 -21.38 -2.97
C ARG C 55 -8.27 -20.68 -3.33
N ALA C 56 -7.17 -21.21 -2.80
CA ALA C 56 -5.86 -20.64 -3.01
C ALA C 56 -5.27 -21.11 -4.34
N THR C 57 -4.23 -20.40 -4.78
CA THR C 57 -3.48 -20.81 -5.96
C THR C 57 -2.66 -22.07 -5.67
N GLY C 58 -2.71 -23.02 -6.59
CA GLY C 58 -2.01 -24.28 -6.40
C GLY C 58 -2.61 -25.22 -5.37
N ILE C 59 -3.85 -25.01 -4.97
CA ILE C 59 -4.53 -25.89 -4.02
C ILE C 59 -5.70 -26.54 -4.76
N PRO C 60 -5.90 -27.86 -4.62
CA PRO C 60 -7.05 -28.50 -5.27
C PRO C 60 -8.38 -27.98 -4.74
N ASP C 61 -9.31 -27.74 -5.67
CA ASP C 61 -10.63 -27.19 -5.36
C ASP C 61 -11.47 -28.10 -4.47
N ARG C 62 -11.06 -29.35 -4.24
CA ARG C 62 -11.75 -30.26 -3.33
C ARG C 62 -11.89 -29.65 -1.93
N PHE C 63 -10.91 -28.86 -1.50
CA PHE C 63 -10.99 -28.13 -0.24
C PHE C 63 -11.91 -26.93 -0.45
N SER C 64 -13.03 -26.89 0.25
CA SER C 64 -13.97 -25.78 0.13
C SER C 64 -14.26 -25.23 1.51
N GLY C 65 -14.82 -24.02 1.56
CA GLY C 65 -15.30 -23.46 2.81
C GLY C 65 -16.75 -23.02 2.75
N SER C 66 -17.66 -23.78 3.36
CA SER C 66 -19.08 -23.44 3.34
C SER C 66 -19.44 -22.57 4.55
N GLY C 67 -18.99 -21.32 4.51
CA GLY C 67 -19.18 -20.42 5.65
C GLY C 67 -20.21 -19.34 5.36
N SER C 68 -21.09 -19.13 6.35
CA SER C 68 -22.08 -18.07 6.36
C SER C 68 -21.81 -17.22 7.60
N GLY C 69 -21.69 -15.91 7.42
CA GLY C 69 -21.25 -15.09 8.55
C GLY C 69 -19.87 -15.56 8.93
N THR C 70 -19.70 -16.01 10.18
CA THR C 70 -18.46 -16.66 10.56
C THR C 70 -18.29 -17.91 9.72
N ASP C 71 -17.07 -18.13 9.21
CA ASP C 71 -16.89 -19.27 8.32
C ASP C 71 -16.70 -20.48 9.22
N PHE C 72 -17.73 -21.31 9.31
CA PHE C 72 -17.75 -22.46 10.19
C PHE C 72 -17.71 -23.76 9.40
N THR C 73 -17.14 -23.74 8.20
CA THR C 73 -16.98 -25.00 7.49
C THR C 73 -15.67 -24.96 6.72
N LEU C 74 -15.10 -26.14 6.52
CA LEU C 74 -13.95 -26.37 5.65
C LEU C 74 -14.11 -27.82 5.27
N THR C 75 -14.47 -28.07 4.02
CA THR C 75 -14.78 -29.43 3.59
C THR C 75 -13.72 -29.91 2.62
N ILE C 76 -13.06 -31.01 2.98
CA ILE C 76 -12.15 -31.72 2.09
C ILE C 76 -12.88 -32.94 1.52
N SER C 77 -12.98 -33.01 0.18
CA SER C 77 -13.75 -34.08 -0.45
C SER C 77 -13.19 -35.45 -0.11
N ARG C 78 -11.88 -35.61 -0.20
CA ARG C 78 -11.24 -36.85 0.21
C ARG C 78 -10.06 -36.47 1.12
N LEU C 79 -9.86 -37.23 2.19
CA LEU C 79 -8.67 -37.07 3.01
C LEU C 79 -7.54 -37.88 2.39
N GLU C 80 -6.78 -37.21 1.51
CA GLU C 80 -5.65 -37.81 0.84
C GLU C 80 -4.52 -38.01 1.86
N PRO C 81 -3.56 -38.92 1.59
CA PRO C 81 -2.50 -39.20 2.57
C PRO C 81 -1.65 -37.99 2.95
N GLU C 82 -1.37 -37.11 1.99
CA GLU C 82 -0.58 -35.91 2.26
C GLU C 82 -1.33 -34.96 3.20
N ASP C 83 -2.65 -34.82 3.03
CA ASP C 83 -3.44 -33.82 3.73
C ASP C 83 -3.87 -34.33 5.10
N PHE C 84 -2.95 -34.29 6.05
CA PHE C 84 -3.23 -34.61 7.45
C PHE C 84 -2.52 -33.62 8.35
N ALA C 85 -2.55 -32.35 7.99
CA ALA C 85 -1.86 -31.30 8.74
C ALA C 85 -2.80 -30.64 9.72
N VAL C 86 -2.34 -29.55 10.33
CA VAL C 86 -3.12 -28.79 11.30
C VAL C 86 -3.66 -27.56 10.58
N TYR C 87 -4.97 -27.54 10.35
CA TYR C 87 -5.61 -26.44 9.65
C TYR C 87 -6.02 -25.36 10.65
N TYR C 88 -5.70 -24.10 10.33
CA TYR C 88 -5.93 -22.99 11.23
C TYR C 88 -6.97 -22.03 10.66
N CYS C 89 -7.64 -21.30 11.54
CA CYS C 89 -8.60 -20.26 11.16
C CYS C 89 -8.06 -18.91 11.58
N GLN C 90 -8.17 -17.92 10.71
CA GLN C 90 -7.79 -16.56 11.07
C GLN C 90 -8.87 -15.61 10.57
N GLN C 91 -9.14 -14.57 11.35
CA GLN C 91 -10.03 -13.50 10.93
C GLN C 91 -9.24 -12.22 10.82
N TYR C 92 -9.51 -11.45 9.77
CA TYR C 92 -8.95 -10.12 9.61
C TYR C 92 -9.99 -9.01 9.75
N VAL C 93 -11.12 -9.29 10.41
CA VAL C 93 -12.22 -8.32 10.53
C VAL C 93 -11.92 -7.40 11.71
N ASN C 94 -11.09 -6.38 11.50
CA ASN C 94 -10.81 -5.28 12.44
C ASN C 94 -10.48 -5.79 13.86
N SER C 95 -9.49 -6.64 13.92
CA SER C 95 -9.06 -7.11 15.23
C SER C 95 -7.55 -7.33 15.15
N PRO C 96 -6.85 -7.81 16.25
CA PRO C 96 -5.44 -8.19 16.09
C PRO C 96 -5.22 -9.54 15.41
N ARG C 97 -5.95 -9.75 14.29
CA ARG C 97 -5.88 -10.92 13.39
C ARG C 97 -5.77 -12.22 14.15
N THR C 98 -6.70 -12.40 15.09
CA THR C 98 -6.70 -13.53 16.01
C THR C 98 -6.88 -14.83 15.23
N PHE C 99 -6.18 -15.86 15.67
CA PHE C 99 -6.24 -17.16 15.06
C PHE C 99 -7.07 -18.10 15.92
N GLY C 100 -7.25 -19.32 15.42
CA GLY C 100 -7.90 -20.37 16.17
C GLY C 100 -6.86 -21.25 16.84
N GLN C 101 -7.35 -22.26 17.56
CA GLN C 101 -6.44 -23.14 18.27
C GLN C 101 -5.83 -24.22 17.39
N GLY C 102 -6.50 -24.57 16.30
CA GLY C 102 -6.05 -25.66 15.45
C GLY C 102 -7.06 -26.78 15.48
N THR C 103 -7.10 -27.62 14.46
CA THR C 103 -8.15 -28.62 14.36
C THR C 103 -7.66 -30.05 14.22
N LYS C 104 -6.51 -30.30 13.61
CA LYS C 104 -6.03 -31.67 13.50
C LYS C 104 -4.62 -31.75 14.04
N LEU C 105 -4.49 -31.41 15.32
CA LEU C 105 -3.23 -31.46 16.04
C LEU C 105 -3.20 -32.74 16.84
N GLU C 106 -2.27 -33.64 16.48
CA GLU C 106 -2.08 -34.94 17.12
C GLU C 106 -1.95 -34.88 18.64
#